data_2B59
#
_entry.id   2B59
#
_cell.length_a   45.568
_cell.length_b   52.220
_cell.length_c   156.262
_cell.angle_alpha   90.00
_cell.angle_beta   90.00
_cell.angle_gamma   90.00
#
_symmetry.space_group_name_H-M   'P 21 21 21'
#
loop_
_entity.id
_entity.type
_entity.pdbx_description
1 polymer 'COG1196: Chromosome segregation ATPases'
2 polymer 'Cellulosomal scaffolding protein A'
3 non-polymer 'CALCIUM ION'
4 water water
#
loop_
_entity_poly.entity_id
_entity_poly.type
_entity_poly.pdbx_seq_one_letter_code
_entity_poly.pdbx_strand_id
1 'polypeptide(L)'
;MRGSHHHHHHTDLRADKASSIELKFDRNKGEVGDILIGTVRINNIKNFAGFQVNIVYDPKVLMAVDPETGKEFTSSTFPP
GRTVLKNNAYGPIQIADNDPEKGILNFALAYSYIAGYKETGVAEESGIIAKIGFKILQKKSTAVKFQDTLSMPGAISGTQ
LFDWDGEVITGYEVIQPDVLSLGDEPF
;
A
2 'polypeptide(L)'
;MNKPVIEGYKVSGYILPDFSFDATVAPLVKAGFKVEIVGTELYAVTDANGYFEITGVPANASGYTLKISRATYLDRVIAN
VVVTGDTSVSTSQAPIMMWVGDIVKDNSINLLDVAEVIRCFNATKGSANYVEELDINRNGAINMQDIMIVHKHFGATSSD
YDAQLEHHHHHH
;
B
#
# COMPACT_ATOMS: atom_id res chain seq x y z
N LYS A 17 -6.74 -6.57 24.82
CA LYS A 17 -5.34 -6.42 25.32
C LYS A 17 -4.56 -5.33 24.59
N ALA A 18 -3.24 -5.33 24.81
CA ALA A 18 -2.37 -4.34 24.19
C ALA A 18 -2.00 -4.68 22.75
N SER A 19 -2.19 -3.71 21.86
CA SER A 19 -1.86 -3.88 20.45
C SER A 19 -0.43 -3.43 20.26
N SER A 20 0.38 -4.27 19.61
CA SER A 20 1.78 -3.91 19.40
C SER A 20 2.51 -4.78 18.37
N ILE A 21 3.72 -4.33 18.06
CA ILE A 21 4.63 -5.04 17.17
C ILE A 21 5.90 -5.00 18.00
N GLU A 22 6.64 -6.09 18.01
CA GLU A 22 7.85 -6.14 18.82
C GLU A 22 8.96 -6.97 18.21
N LEU A 23 10.19 -6.60 18.52
CA LEU A 23 11.36 -7.32 18.07
C LEU A 23 12.02 -7.83 19.34
N LYS A 24 12.24 -9.14 19.42
CA LYS A 24 12.84 -9.72 20.61
C LYS A 24 13.90 -10.79 20.28
N PHE A 25 14.94 -10.86 21.09
CA PHE A 25 16.00 -11.84 20.85
C PHE A 25 15.93 -13.06 21.77
N ASP A 26 16.22 -14.22 21.21
CA ASP A 26 16.18 -15.47 21.95
C ASP A 26 17.26 -15.50 23.02
N ARG A 27 18.39 -14.83 22.73
CA ARG A 27 19.50 -14.76 23.67
C ARG A 27 20.03 -13.34 23.77
N ASN A 28 20.65 -13.04 24.91
CA ASN A 28 21.21 -11.71 25.14
C ASN A 28 22.74 -11.72 25.13
N LYS A 29 23.32 -12.91 25.09
CA LYS A 29 24.77 -13.07 25.06
C LYS A 29 25.17 -14.13 24.05
N GLY A 30 26.45 -14.15 23.69
CA GLY A 30 26.90 -15.15 22.74
C GLY A 30 28.37 -15.02 22.36
N GLU A 31 28.88 -16.02 21.66
CA GLU A 31 30.26 -16.03 21.22
C GLU A 31 30.36 -15.56 19.76
N VAL A 32 31.56 -15.18 19.34
CA VAL A 32 31.77 -14.76 17.97
C VAL A 32 31.39 -15.96 17.10
N GLY A 33 30.57 -15.72 16.08
CA GLY A 33 30.15 -16.82 15.23
C GLY A 33 28.77 -17.35 15.58
N ASP A 34 28.31 -17.08 16.80
CA ASP A 34 26.99 -17.54 17.20
C ASP A 34 25.94 -16.71 16.48
N ILE A 35 24.80 -17.31 16.19
CA ILE A 35 23.73 -16.60 15.49
C ILE A 35 22.58 -16.32 16.45
N LEU A 36 22.39 -15.03 16.75
CA LEU A 36 21.31 -14.62 17.62
C LEU A 36 20.07 -14.53 16.74
N ILE A 37 18.93 -14.99 17.25
CA ILE A 37 17.72 -14.94 16.46
C ILE A 37 16.76 -13.88 16.96
N GLY A 38 16.44 -12.92 16.09
CA GLY A 38 15.53 -11.86 16.45
C GLY A 38 14.16 -12.14 15.86
N THR A 39 13.17 -12.31 16.73
CA THR A 39 11.81 -12.60 16.28
C THR A 39 10.92 -11.36 16.30
N VAL A 40 10.37 -11.02 15.14
CA VAL A 40 9.47 -9.87 15.02
C VAL A 40 8.03 -10.38 15.02
N ARG A 41 7.21 -9.90 15.94
CA ARG A 41 5.84 -10.35 15.96
C ARG A 41 4.85 -9.23 16.27
N ILE A 42 3.59 -9.49 15.96
CA ILE A 42 2.53 -8.54 16.20
C ILE A 42 1.57 -9.13 17.21
N ASN A 43 0.91 -8.26 17.96
CA ASN A 43 -0.04 -8.70 18.97
C ASN A 43 -1.31 -7.86 18.91
N ASN A 44 -2.43 -8.54 18.69
CA ASN A 44 -3.74 -7.88 18.66
C ASN A 44 -3.87 -6.71 17.69
N ILE A 45 -3.48 -6.91 16.43
CA ILE A 45 -3.59 -5.87 15.41
C ILE A 45 -4.89 -6.17 14.66
N LYS A 46 -5.91 -5.36 14.93
CA LYS A 46 -7.23 -5.54 14.32
C LYS A 46 -7.24 -5.54 12.79
N ASN A 47 -7.86 -6.59 12.23
CA ASN A 47 -8.00 -6.75 10.78
C ASN A 47 -6.69 -6.65 10.01
N PHE A 48 -5.61 -7.17 10.58
CA PHE A 48 -4.28 -7.15 9.99
C PHE A 48 -4.19 -7.84 8.63
N ALA A 49 -3.61 -7.17 7.65
CA ALA A 49 -3.49 -7.75 6.32
C ALA A 49 -2.14 -7.50 5.63
N GLY A 50 -1.29 -6.68 6.24
CA GLY A 50 0.00 -6.40 5.64
C GLY A 50 0.89 -5.50 6.47
N PHE A 51 2.15 -5.36 6.07
CA PHE A 51 3.10 -4.51 6.80
C PHE A 51 4.37 -4.16 6.04
N GLN A 52 5.12 -3.21 6.60
CA GLN A 52 6.43 -2.81 6.10
C GLN A 52 7.20 -2.29 7.32
N VAL A 53 8.44 -2.76 7.49
CA VAL A 53 9.25 -2.31 8.62
C VAL A 53 10.66 -1.98 8.18
N ASN A 54 11.31 -1.10 8.94
CA ASN A 54 12.68 -0.68 8.67
C ASN A 54 13.44 -0.94 9.97
N ILE A 55 14.43 -1.81 9.90
CA ILE A 55 15.23 -2.17 11.08
C ILE A 55 16.70 -1.90 10.83
N VAL A 56 17.34 -1.26 11.79
CA VAL A 56 18.76 -0.93 11.66
C VAL A 56 19.62 -1.57 12.75
N TYR A 57 20.86 -1.90 12.38
CA TYR A 57 21.82 -2.52 13.27
C TYR A 57 23.22 -2.06 12.88
N ASP A 58 24.21 -2.39 13.70
CA ASP A 58 25.60 -2.01 13.44
C ASP A 58 26.26 -3.18 12.72
N PRO A 59 26.47 -3.05 11.40
CA PRO A 59 27.08 -4.07 10.53
C PRO A 59 28.48 -4.57 10.86
N LYS A 60 29.22 -3.84 11.68
CA LYS A 60 30.56 -4.28 12.03
C LYS A 60 30.55 -5.07 13.34
N VAL A 61 29.37 -5.19 13.94
CA VAL A 61 29.22 -5.94 15.18
C VAL A 61 28.34 -7.17 14.92
N LEU A 62 27.31 -6.97 14.11
CA LEU A 62 26.38 -8.05 13.77
C LEU A 62 26.20 -8.14 12.26
N MET A 63 25.93 -9.35 11.76
CA MET A 63 25.72 -9.59 10.34
C MET A 63 24.38 -10.29 10.14
N ALA A 64 23.51 -9.68 9.34
CA ALA A 64 22.20 -10.25 9.08
C ALA A 64 22.31 -11.56 8.31
N VAL A 65 21.75 -12.62 8.88
CA VAL A 65 21.82 -13.92 8.26
C VAL A 65 20.55 -14.75 8.44
N ASP A 66 20.30 -15.66 7.51
CA ASP A 66 19.14 -16.53 7.60
C ASP A 66 19.27 -17.29 8.92
N PRO A 67 18.24 -17.22 9.77
CA PRO A 67 18.28 -17.92 11.05
C PRO A 67 18.40 -19.44 10.93
N GLU A 68 17.92 -19.99 9.83
CA GLU A 68 17.96 -21.44 9.61
C GLU A 68 19.24 -21.88 8.90
N THR A 69 19.29 -21.65 7.59
CA THR A 69 20.45 -22.03 6.79
C THR A 69 21.72 -21.36 7.28
N GLY A 70 21.67 -20.04 7.43
CA GLY A 70 22.83 -19.30 7.89
C GLY A 70 23.43 -18.54 6.72
N LYS A 71 22.67 -18.44 5.64
CA LYS A 71 23.11 -17.75 4.44
C LYS A 71 23.02 -16.24 4.69
N GLU A 72 24.00 -15.51 4.18
CA GLU A 72 24.06 -14.07 4.36
C GLU A 72 22.91 -13.32 3.67
N PHE A 73 22.34 -12.36 4.37
CA PHE A 73 21.26 -11.54 3.83
C PHE A 73 21.77 -10.61 2.73
N THR A 74 21.02 -10.48 1.64
CA THR A 74 21.39 -9.57 0.56
C THR A 74 20.22 -8.58 0.44
N SER A 75 20.31 -7.65 -0.51
CA SER A 75 19.26 -6.66 -0.69
C SER A 75 17.87 -7.22 -0.94
N SER A 76 17.81 -8.41 -1.55
CA SER A 76 16.52 -9.02 -1.88
C SER A 76 16.04 -10.15 -0.95
N THR A 77 16.81 -10.43 0.10
CA THR A 77 16.45 -11.50 1.03
C THR A 77 15.26 -11.14 1.91
N PHE A 78 14.23 -11.98 1.87
CA PHE A 78 13.05 -11.77 2.71
C PHE A 78 13.15 -12.75 3.89
N PRO A 79 12.99 -12.26 5.11
CA PRO A 79 13.08 -13.11 6.31
C PRO A 79 11.99 -14.18 6.40
N PRO A 80 12.37 -15.40 6.83
CA PRO A 80 11.44 -16.52 6.96
C PRO A 80 10.88 -16.65 8.37
N GLY A 81 10.14 -17.73 8.61
CA GLY A 81 9.59 -18.00 9.92
C GLY A 81 8.27 -17.39 10.35
N ARG A 82 7.56 -16.70 9.45
CA ARG A 82 6.29 -16.10 9.83
C ARG A 82 5.20 -17.16 10.03
N THR A 83 4.22 -16.85 10.88
CA THR A 83 3.13 -17.77 11.15
C THR A 83 1.79 -17.18 10.72
N VAL A 84 1.83 -16.00 10.09
CA VAL A 84 0.62 -15.34 9.61
C VAL A 84 0.79 -14.92 8.15
N LEU A 85 -0.34 -14.67 7.48
CA LEU A 85 -0.36 -14.27 6.07
C LEU A 85 0.31 -15.31 5.18
N LYS A 86 -0.04 -16.57 5.40
CA LYS A 86 0.52 -17.69 4.64
C LYS A 86 -0.50 -18.35 3.71
N ASN A 87 -1.76 -17.93 3.79
CA ASN A 87 -2.79 -18.54 2.97
C ASN A 87 -2.72 -18.10 1.51
N ASN A 88 -2.27 -19.01 0.65
CA ASN A 88 -2.12 -18.72 -0.78
C ASN A 88 -3.41 -18.27 -1.46
N ALA A 89 -4.56 -18.58 -0.87
CA ALA A 89 -5.83 -18.18 -1.46
C ALA A 89 -5.98 -16.66 -1.54
N TYR A 90 -5.19 -15.93 -0.78
CA TYR A 90 -5.27 -14.46 -0.81
C TYR A 90 -4.01 -13.82 -1.39
N GLY A 91 -3.21 -14.64 -2.06
CA GLY A 91 -2.00 -14.18 -2.71
C GLY A 91 -1.03 -13.32 -1.93
N PRO A 92 -0.33 -13.90 -0.94
CA PRO A 92 0.63 -13.10 -0.16
C PRO A 92 1.77 -12.64 -1.06
N ILE A 93 2.13 -11.36 -0.93
CA ILE A 93 3.21 -10.78 -1.72
C ILE A 93 4.31 -10.28 -0.79
N GLN A 94 5.54 -10.76 -1.01
CA GLN A 94 6.65 -10.34 -0.18
C GLN A 94 7.64 -9.44 -0.92
N ILE A 95 8.15 -8.45 -0.22
CA ILE A 95 9.10 -7.51 -0.79
C ILE A 95 10.28 -7.26 0.13
N ALA A 96 11.47 -7.23 -0.43
CA ALA A 96 12.69 -7.00 0.34
C ALA A 96 13.54 -5.95 -0.37
N ASP A 97 14.08 -5.02 0.41
CA ASP A 97 14.93 -3.96 -0.12
C ASP A 97 15.91 -3.54 0.98
N ASN A 98 16.76 -4.48 1.39
CA ASN A 98 17.74 -4.25 2.45
C ASN A 98 19.01 -3.61 1.92
N ASP A 99 19.86 -3.19 2.86
CA ASP A 99 21.16 -2.61 2.55
C ASP A 99 22.07 -3.04 3.68
N PRO A 100 22.44 -4.34 3.70
CA PRO A 100 23.31 -4.96 4.70
C PRO A 100 24.57 -4.19 5.04
N GLU A 101 25.23 -3.64 4.02
CA GLU A 101 26.47 -2.89 4.24
C GLU A 101 26.27 -1.68 5.14
N LYS A 102 25.07 -1.10 5.11
CA LYS A 102 24.77 0.06 5.94
C LYS A 102 24.02 -0.36 7.20
N GLY A 103 23.81 -1.66 7.36
CA GLY A 103 23.11 -2.16 8.53
C GLY A 103 21.63 -1.81 8.51
N ILE A 104 21.02 -1.97 7.33
CA ILE A 104 19.60 -1.67 7.18
C ILE A 104 18.81 -2.82 6.58
N LEU A 105 17.70 -3.15 7.23
CA LEU A 105 16.80 -4.19 6.76
C LEU A 105 15.47 -3.49 6.53
N ASN A 106 14.90 -3.68 5.34
CA ASN A 106 13.62 -3.07 5.03
C ASN A 106 12.87 -4.07 4.16
N PHE A 107 11.75 -4.55 4.66
CA PHE A 107 10.96 -5.54 3.93
C PHE A 107 9.48 -5.40 4.25
N ALA A 108 8.64 -5.92 3.37
CA ALA A 108 7.19 -5.84 3.54
C ALA A 108 6.48 -7.06 2.98
N LEU A 109 5.27 -7.28 3.48
CA LEU A 109 4.46 -8.41 3.06
C LEU A 109 2.99 -8.09 3.25
N ALA A 110 2.16 -8.53 2.31
CA ALA A 110 0.73 -8.29 2.40
C ALA A 110 -0.04 -9.19 1.45
N TYR A 111 -1.30 -9.46 1.79
CA TYR A 111 -2.17 -10.24 0.93
C TYR A 111 -2.60 -9.28 -0.17
N SER A 112 -2.64 -9.75 -1.41
CA SER A 112 -3.06 -8.89 -2.51
C SER A 112 -4.58 -8.87 -2.59
N TYR A 113 -5.19 -10.05 -2.46
CA TYR A 113 -6.64 -10.18 -2.51
C TYR A 113 -7.26 -10.02 -1.13
N ILE A 114 -7.18 -8.80 -0.59
CA ILE A 114 -7.72 -8.53 0.74
C ILE A 114 -9.24 -8.58 0.80
N ALA A 115 -9.90 -8.40 -0.34
CA ALA A 115 -11.36 -8.45 -0.37
C ALA A 115 -11.80 -9.88 -0.04
N GLY A 116 -11.10 -10.86 -0.61
CA GLY A 116 -11.44 -12.25 -0.35
C GLY A 116 -11.16 -12.62 1.10
N TYR A 117 -10.07 -12.07 1.62
CA TYR A 117 -9.65 -12.30 2.99
C TYR A 117 -10.70 -11.75 3.96
N LYS A 118 -11.16 -10.52 3.70
CA LYS A 118 -12.18 -9.90 4.54
C LYS A 118 -13.47 -10.73 4.53
N GLU A 119 -13.73 -11.40 3.40
CA GLU A 119 -14.92 -12.23 3.25
C GLU A 119 -15.00 -13.37 4.27
N THR A 120 -13.85 -13.81 4.79
CA THR A 120 -13.85 -14.90 5.76
C THR A 120 -14.40 -14.41 7.10
N GLY A 121 -14.42 -13.09 7.28
CA GLY A 121 -14.92 -12.52 8.51
C GLY A 121 -14.04 -12.73 9.73
N VAL A 122 -12.86 -13.31 9.55
CA VAL A 122 -11.96 -13.56 10.66
C VAL A 122 -10.53 -13.20 10.26
N ALA A 123 -9.97 -12.19 10.93
CA ALA A 123 -8.62 -11.74 10.64
C ALA A 123 -7.55 -12.41 11.49
N GLU A 124 -6.33 -12.45 10.96
CA GLU A 124 -5.16 -13.01 11.63
C GLU A 124 -4.55 -11.81 12.35
N GLU A 125 -4.78 -11.70 13.66
CA GLU A 125 -4.33 -10.54 14.41
C GLU A 125 -3.10 -10.65 15.31
N SER A 126 -2.59 -11.86 15.51
CA SER A 126 -1.43 -12.07 16.35
C SER A 126 -0.56 -13.17 15.77
N GLY A 127 0.75 -13.01 15.84
CA GLY A 127 1.65 -14.03 15.32
C GLY A 127 3.03 -13.49 14.95
N ILE A 128 3.85 -14.34 14.36
CA ILE A 128 5.20 -13.95 13.95
C ILE A 128 5.18 -13.49 12.50
N ILE A 129 5.89 -12.41 12.19
CA ILE A 129 5.93 -11.93 10.81
C ILE A 129 7.33 -12.04 10.23
N ALA A 130 8.32 -12.32 11.08
CA ALA A 130 9.70 -12.45 10.61
C ALA A 130 10.65 -13.00 11.66
N LYS A 131 11.65 -13.75 11.19
CA LYS A 131 12.69 -14.31 12.03
C LYS A 131 14.01 -13.96 11.35
N ILE A 132 14.85 -13.20 12.04
CA ILE A 132 16.11 -12.77 11.48
C ILE A 132 17.33 -13.22 12.29
N GLY A 133 18.30 -13.79 11.60
CA GLY A 133 19.50 -14.23 12.29
C GLY A 133 20.54 -13.12 12.29
N PHE A 134 21.21 -12.94 13.42
CA PHE A 134 22.26 -11.93 13.54
C PHE A 134 23.52 -12.61 14.05
N LYS A 135 24.51 -12.78 13.17
CA LYS A 135 25.75 -13.43 13.55
C LYS A 135 26.67 -12.45 14.28
N ILE A 136 27.18 -12.88 15.42
CA ILE A 136 28.06 -12.04 16.24
C ILE A 136 29.46 -11.93 15.63
N LEU A 137 29.82 -10.72 15.20
CA LEU A 137 31.13 -10.45 14.61
C LEU A 137 32.08 -9.93 15.68
N GLN A 138 31.53 -9.20 16.64
CA GLN A 138 32.33 -8.64 17.73
C GLN A 138 31.66 -8.79 19.09
N LYS A 139 32.49 -8.88 20.12
CA LYS A 139 32.03 -9.04 21.50
C LYS A 139 31.83 -7.66 22.11
N LYS A 140 30.91 -6.88 21.56
CA LYS A 140 30.66 -5.53 22.05
C LYS A 140 29.17 -5.20 22.20
N SER A 141 28.88 -4.27 23.11
CA SER A 141 27.51 -3.84 23.36
C SER A 141 26.95 -3.20 22.10
N THR A 142 25.80 -3.69 21.66
CA THR A 142 25.20 -3.15 20.44
C THR A 142 23.68 -3.19 20.51
N ALA A 143 23.03 -2.44 19.62
CA ALA A 143 21.58 -2.40 19.60
C ALA A 143 21.02 -2.42 18.19
N VAL A 144 19.83 -2.99 18.06
CA VAL A 144 19.12 -3.04 16.79
C VAL A 144 17.70 -2.63 17.10
N LYS A 145 17.06 -1.93 16.16
CA LYS A 145 15.71 -1.50 16.40
C LYS A 145 15.00 -0.93 15.18
N PHE A 146 13.69 -0.74 15.32
CA PHE A 146 12.89 -0.17 14.25
C PHE A 146 13.28 1.30 14.24
N GLN A 147 13.41 1.86 13.05
CA GLN A 147 13.77 3.26 12.93
C GLN A 147 13.14 3.88 11.69
N ASP A 148 12.66 5.12 11.83
CA ASP A 148 12.05 5.82 10.71
C ASP A 148 13.05 6.00 9.58
N THR A 149 12.53 6.12 8.37
CA THR A 149 13.36 6.31 7.18
C THR A 149 12.58 7.22 6.23
N LEU A 150 13.31 7.93 5.38
CA LEU A 150 12.67 8.83 4.43
C LEU A 150 11.72 8.15 3.45
N SER A 151 11.93 6.86 3.20
CA SER A 151 11.08 6.14 2.25
C SER A 151 9.76 5.68 2.88
N MET A 152 9.54 6.00 4.15
CA MET A 152 8.32 5.63 4.86
C MET A 152 7.76 6.80 5.66
N PRO A 153 7.35 7.89 4.98
CA PRO A 153 6.81 9.06 5.67
C PRO A 153 5.50 8.76 6.40
N GLY A 154 5.35 9.31 7.61
CA GLY A 154 4.14 9.07 8.39
C GLY A 154 4.14 7.75 9.13
N ALA A 155 5.27 7.05 9.11
CA ALA A 155 5.38 5.75 9.77
C ALA A 155 5.47 5.88 11.29
N ILE A 156 5.21 4.78 11.99
CA ILE A 156 5.27 4.77 13.44
C ILE A 156 6.59 4.09 13.85
N SER A 157 7.61 4.92 14.07
CA SER A 157 8.95 4.47 14.43
C SER A 157 9.45 3.40 13.45
N GLY A 158 9.35 3.70 12.16
CA GLY A 158 9.82 2.78 11.14
C GLY A 158 8.91 1.59 10.85
N THR A 159 7.65 1.68 11.27
CA THR A 159 6.71 0.60 11.01
C THR A 159 5.38 1.12 10.48
N GLN A 160 4.77 0.34 9.60
CA GLN A 160 3.45 0.68 9.07
C GLN A 160 2.69 -0.63 8.94
N LEU A 161 1.50 -0.67 9.53
CA LEU A 161 0.64 -1.86 9.50
C LEU A 161 -0.63 -1.48 8.76
N PHE A 162 -1.19 -2.44 8.03
CA PHE A 162 -2.40 -2.20 7.24
C PHE A 162 -3.49 -3.21 7.51
N ASP A 163 -4.76 -2.77 7.40
CA ASP A 163 -5.91 -3.65 7.61
C ASP A 163 -6.45 -4.20 6.29
N TRP A 164 -7.45 -5.08 6.35
CA TRP A 164 -7.98 -5.66 5.13
C TRP A 164 -8.82 -4.75 4.25
N ASP A 165 -8.85 -3.46 4.58
CA ASP A 165 -9.57 -2.47 3.77
C ASP A 165 -8.50 -1.66 3.04
N GLY A 166 -7.23 -1.98 3.30
CA GLY A 166 -6.13 -1.28 2.67
C GLY A 166 -5.71 0.03 3.34
N GLU A 167 -6.17 0.25 4.57
CA GLU A 167 -5.85 1.47 5.32
C GLU A 167 -4.75 1.26 6.34
N VAL A 168 -4.04 2.33 6.69
CA VAL A 168 -2.98 2.26 7.68
C VAL A 168 -3.61 2.11 9.07
N ILE A 169 -2.98 1.29 9.90
CA ILE A 169 -3.43 1.07 11.27
C ILE A 169 -2.59 1.96 12.19
N THR A 170 -3.22 2.56 13.19
CA THR A 170 -2.52 3.44 14.13
C THR A 170 -2.80 3.07 15.59
N GLY A 171 -2.09 3.71 16.51
CA GLY A 171 -2.30 3.50 17.93
C GLY A 171 -1.64 2.33 18.64
N TYR A 172 -0.89 1.50 17.93
CA TYR A 172 -0.24 0.36 18.55
C TYR A 172 1.15 0.74 19.08
N GLU A 173 1.67 -0.09 19.98
CA GLU A 173 2.97 0.15 20.56
C GLU A 173 4.08 -0.49 19.72
N VAL A 174 5.24 0.14 19.70
CA VAL A 174 6.41 -0.38 18.99
C VAL A 174 7.38 -0.68 20.12
N ILE A 175 7.56 -1.96 20.42
CA ILE A 175 8.44 -2.39 21.49
C ILE A 175 9.83 -2.72 20.99
N GLN A 176 10.79 -1.88 21.38
CA GLN A 176 12.18 -2.04 20.99
C GLN A 176 12.86 -3.07 21.89
N PRO A 177 13.72 -3.92 21.30
CA PRO A 177 14.44 -4.96 22.02
C PRO A 177 15.78 -4.48 22.52
N ASP A 178 16.78 -5.22 22.05
CA ASP A 178 18.17 -4.98 22.35
C ASP A 178 18.56 -4.65 23.76
N VAL A 179 19.75 -4.06 23.84
CA VAL A 179 20.43 -3.72 25.08
C VAL A 179 21.30 -4.97 25.12
N LEU A 180 21.66 -5.44 23.92
CA LEU A 180 22.50 -6.63 23.77
C LEU A 180 23.90 -6.31 24.26
N SER A 181 24.19 -6.70 25.50
CA SER A 181 25.49 -6.43 26.10
C SER A 181 26.48 -7.59 26.10
N LEU A 182 27.67 -7.31 25.58
CA LEU A 182 28.75 -8.28 25.55
C LEU A 182 30.02 -7.45 25.41
N GLY B 8 -29.51 23.12 -25.29
CA GLY B 8 -28.82 22.02 -24.57
C GLY B 8 -28.81 22.22 -23.06
N TYR B 9 -28.53 21.15 -22.33
CA TYR B 9 -28.51 21.19 -20.87
C TYR B 9 -27.12 20.96 -20.27
N LYS B 10 -27.03 21.05 -18.95
CA LYS B 10 -25.77 20.84 -18.25
C LYS B 10 -25.79 19.56 -17.43
N VAL B 11 -24.80 18.71 -17.66
CA VAL B 11 -24.67 17.44 -16.93
C VAL B 11 -23.44 17.59 -16.06
N SER B 12 -23.64 17.60 -14.74
CA SER B 12 -22.55 17.78 -13.81
C SER B 12 -22.51 16.79 -12.64
N GLY B 13 -21.42 16.88 -11.87
CA GLY B 13 -21.23 16.02 -10.72
C GLY B 13 -19.84 16.12 -10.13
N TYR B 14 -19.59 15.29 -9.11
CA TYR B 14 -18.30 15.25 -8.43
C TYR B 14 -17.73 13.83 -8.47
N ILE B 15 -16.41 13.74 -8.52
CA ILE B 15 -15.72 12.46 -8.55
C ILE B 15 -14.71 12.42 -7.42
N LEU B 16 -14.55 11.25 -6.81
CA LEU B 16 -13.59 11.10 -5.71
C LEU B 16 -12.84 9.76 -5.80
N PRO B 17 -11.50 9.80 -5.78
CA PRO B 17 -10.72 8.56 -5.85
C PRO B 17 -10.93 7.76 -4.55
N ASP B 18 -10.91 6.44 -4.65
CA ASP B 18 -11.11 5.59 -3.48
C ASP B 18 -9.88 5.26 -2.65
N PHE B 19 -9.37 6.25 -1.93
CA PHE B 19 -8.24 6.08 -1.03
C PHE B 19 -8.07 7.33 -0.18
N SER B 20 -7.30 7.21 0.91
CA SER B 20 -7.10 8.34 1.81
C SER B 20 -5.95 9.25 1.38
N PHE B 21 -6.13 10.55 1.57
CA PHE B 21 -5.11 11.53 1.21
C PHE B 21 -5.26 12.80 2.05
N ASP B 22 -4.18 13.54 2.25
CA ASP B 22 -4.25 14.76 3.03
C ASP B 22 -4.65 15.98 2.19
N ALA B 23 -4.93 17.07 2.87
CA ALA B 23 -5.36 18.31 2.23
C ALA B 23 -4.43 18.89 1.16
N THR B 24 -3.12 18.76 1.33
CA THR B 24 -2.21 19.33 0.35
C THR B 24 -2.25 18.62 -1.01
N VAL B 25 -2.55 17.32 -1.03
CA VAL B 25 -2.59 16.57 -2.28
C VAL B 25 -3.98 16.47 -2.92
N ALA B 26 -5.01 16.82 -2.16
CA ALA B 26 -6.39 16.75 -2.67
C ALA B 26 -6.56 17.32 -4.07
N PRO B 27 -6.04 18.54 -4.34
CA PRO B 27 -6.19 19.09 -5.68
C PRO B 27 -5.55 18.26 -6.79
N LEU B 28 -4.51 17.51 -6.42
CA LEU B 28 -3.82 16.68 -7.40
C LEU B 28 -4.56 15.38 -7.71
N VAL B 29 -5.15 14.76 -6.69
CA VAL B 29 -5.85 13.49 -6.88
C VAL B 29 -7.29 13.59 -7.35
N LYS B 30 -7.93 14.75 -7.18
CA LYS B 30 -9.31 14.91 -7.62
C LYS B 30 -9.45 15.47 -9.04
N ALA B 31 -8.36 16.02 -9.58
CA ALA B 31 -8.39 16.57 -10.93
C ALA B 31 -7.94 15.56 -11.98
N GLY B 32 -8.29 15.81 -13.24
CA GLY B 32 -7.85 14.94 -14.31
C GLY B 32 -8.75 13.79 -14.77
N PHE B 33 -9.91 13.61 -14.14
CA PHE B 33 -10.82 12.55 -14.55
C PHE B 33 -11.64 13.00 -15.76
N LYS B 34 -11.46 12.34 -16.88
CA LYS B 34 -12.20 12.69 -18.09
C LYS B 34 -13.56 12.01 -18.11
N VAL B 35 -14.61 12.81 -18.23
CA VAL B 35 -15.98 12.29 -18.27
C VAL B 35 -16.54 12.54 -19.67
N GLU B 36 -16.92 11.46 -20.35
CA GLU B 36 -17.46 11.60 -21.69
C GLU B 36 -18.78 10.86 -21.89
N ILE B 37 -19.64 11.45 -22.72
CA ILE B 37 -20.93 10.87 -23.03
C ILE B 37 -20.71 9.98 -24.24
N VAL B 38 -20.80 8.67 -24.04
CA VAL B 38 -20.59 7.71 -25.12
C VAL B 38 -21.50 7.96 -26.32
N GLY B 39 -20.90 7.97 -27.51
CA GLY B 39 -21.65 8.19 -28.73
C GLY B 39 -21.75 9.65 -29.11
N THR B 40 -21.04 10.51 -28.38
CA THR B 40 -21.07 11.94 -28.64
C THR B 40 -19.66 12.51 -28.59
N GLU B 41 -19.56 13.83 -28.75
CA GLU B 41 -18.26 14.52 -28.68
C GLU B 41 -18.35 15.47 -27.49
N LEU B 42 -19.21 15.11 -26.54
CA LEU B 42 -19.40 15.92 -25.35
C LEU B 42 -18.60 15.32 -24.19
N TYR B 43 -17.83 16.16 -23.52
CA TYR B 43 -17.03 15.68 -22.40
C TYR B 43 -16.41 16.82 -21.61
N ALA B 44 -15.81 16.49 -20.48
CA ALA B 44 -15.16 17.46 -19.61
C ALA B 44 -14.20 16.73 -18.67
N VAL B 45 -13.29 17.47 -18.08
CA VAL B 45 -12.29 16.93 -17.16
C VAL B 45 -12.46 17.60 -15.80
N THR B 46 -12.50 16.82 -14.72
CA THR B 46 -12.68 17.38 -13.39
C THR B 46 -11.61 18.40 -13.01
N ASP B 47 -12.02 19.41 -12.25
CA ASP B 47 -11.11 20.44 -11.78
C ASP B 47 -10.55 19.99 -10.43
N ALA B 48 -9.77 20.86 -9.79
CA ALA B 48 -9.16 20.54 -8.51
C ALA B 48 -10.13 20.12 -7.40
N ASN B 49 -11.41 20.45 -7.55
CA ASN B 49 -12.41 20.10 -6.55
C ASN B 49 -13.13 18.78 -6.87
N GLY B 50 -12.71 18.13 -7.95
CA GLY B 50 -13.33 16.88 -8.36
C GLY B 50 -14.63 17.11 -9.10
N TYR B 51 -14.87 18.37 -9.48
CA TYR B 51 -16.08 18.78 -10.18
C TYR B 51 -15.95 18.81 -11.70
N PHE B 52 -16.99 18.31 -12.38
CA PHE B 52 -17.03 18.33 -13.84
C PHE B 52 -18.39 18.84 -14.29
N GLU B 53 -18.42 19.48 -15.45
CA GLU B 53 -19.67 20.00 -15.98
C GLU B 53 -19.64 19.99 -17.51
N ILE B 54 -20.55 19.22 -18.11
CA ILE B 54 -20.67 19.12 -19.56
C ILE B 54 -21.86 19.97 -19.97
N THR B 55 -21.65 20.87 -20.91
CA THR B 55 -22.72 21.76 -21.35
C THR B 55 -23.18 21.52 -22.79
N GLY B 56 -24.35 22.05 -23.12
CA GLY B 56 -24.90 21.88 -24.45
C GLY B 56 -25.31 20.44 -24.74
N VAL B 57 -25.74 19.72 -23.71
CA VAL B 57 -26.14 18.33 -23.86
C VAL B 57 -27.62 18.18 -24.24
N PRO B 58 -27.89 17.56 -25.40
CA PRO B 58 -29.28 17.37 -25.86
C PRO B 58 -30.06 16.47 -24.91
N ALA B 59 -31.35 16.74 -24.77
CA ALA B 59 -32.20 15.94 -23.90
C ALA B 59 -32.23 14.50 -24.40
N ASN B 60 -32.43 13.56 -23.48
CA ASN B 60 -32.48 12.15 -23.83
C ASN B 60 -33.26 11.38 -22.78
N ALA B 61 -34.55 11.18 -23.03
CA ALA B 61 -35.41 10.45 -22.10
C ALA B 61 -34.79 9.07 -21.85
N SER B 62 -34.20 8.52 -22.90
CA SER B 62 -33.52 7.24 -22.81
C SER B 62 -32.08 7.62 -22.42
N GLY B 63 -31.82 7.60 -21.12
CA GLY B 63 -30.53 7.97 -20.59
C GLY B 63 -29.30 7.68 -21.43
N TYR B 64 -28.29 8.53 -21.29
CA TYR B 64 -27.03 8.37 -22.01
C TYR B 64 -26.16 7.40 -21.23
N THR B 65 -25.03 7.04 -21.83
CA THR B 65 -24.05 6.17 -21.19
C THR B 65 -22.79 7.05 -21.05
N LEU B 66 -22.28 7.15 -19.84
CA LEU B 66 -21.07 7.94 -19.59
C LEU B 66 -19.89 7.04 -19.29
N LYS B 67 -18.69 7.50 -19.64
CA LYS B 67 -17.48 6.76 -19.36
C LYS B 67 -16.50 7.70 -18.67
N ILE B 68 -15.93 7.23 -17.57
CA ILE B 68 -14.96 8.01 -16.80
C ILE B 68 -13.61 7.33 -16.94
N SER B 69 -12.58 8.11 -17.26
CA SER B 69 -11.25 7.53 -17.44
C SER B 69 -10.16 8.46 -16.95
N ARG B 70 -9.00 7.87 -16.65
CA ARG B 70 -7.83 8.61 -16.19
C ARG B 70 -6.66 7.65 -16.09
N ALA B 71 -5.46 8.13 -16.45
CA ALA B 71 -4.27 7.28 -16.40
C ALA B 71 -4.07 6.73 -14.99
N THR B 72 -3.84 5.42 -14.93
CA THR B 72 -3.61 4.64 -13.72
C THR B 72 -4.88 4.20 -13.01
N TYR B 73 -6.03 4.66 -13.51
CA TYR B 73 -7.34 4.31 -12.94
C TYR B 73 -8.09 3.33 -13.83
N LEU B 74 -9.04 2.61 -13.22
CA LEU B 74 -9.84 1.64 -13.96
C LEU B 74 -11.06 2.33 -14.57
N ASP B 75 -11.21 2.23 -15.89
CA ASP B 75 -12.34 2.86 -16.59
C ASP B 75 -13.67 2.50 -15.93
N ARG B 76 -14.57 3.47 -15.85
CA ARG B 76 -15.90 3.24 -15.28
C ARG B 76 -16.99 3.61 -16.27
N VAL B 77 -17.99 2.74 -16.41
CA VAL B 77 -19.09 2.97 -17.32
C VAL B 77 -20.40 3.08 -16.54
N ILE B 78 -21.14 4.16 -16.77
CA ILE B 78 -22.41 4.39 -16.09
C ILE B 78 -23.51 4.56 -17.12
N ALA B 79 -24.45 3.62 -17.14
CA ALA B 79 -25.55 3.67 -18.09
C ALA B 79 -26.82 4.26 -17.51
N ASN B 80 -27.78 4.53 -18.39
CA ASN B 80 -29.09 5.07 -18.02
C ASN B 80 -29.08 6.45 -17.36
N VAL B 81 -28.21 7.34 -17.81
CA VAL B 81 -28.18 8.69 -17.25
C VAL B 81 -29.21 9.54 -18.00
N VAL B 82 -30.43 9.59 -17.48
CA VAL B 82 -31.50 10.35 -18.10
C VAL B 82 -31.28 11.85 -18.05
N VAL B 83 -31.50 12.52 -19.18
CA VAL B 83 -31.34 13.97 -19.24
C VAL B 83 -32.57 14.63 -19.86
N THR B 84 -33.40 15.23 -19.01
CA THR B 84 -34.60 15.92 -19.49
C THR B 84 -34.48 17.39 -19.09
N GLY B 85 -33.30 17.74 -18.60
CA GLY B 85 -33.01 19.10 -18.18
C GLY B 85 -31.64 19.08 -17.51
N ASP B 86 -31.28 20.17 -16.83
CA ASP B 86 -30.00 20.21 -16.15
C ASP B 86 -30.01 19.10 -15.12
N THR B 87 -28.97 18.29 -15.11
CA THR B 87 -28.94 17.17 -14.17
C THR B 87 -27.62 16.95 -13.46
N SER B 88 -27.72 16.62 -12.17
CA SER B 88 -26.57 16.35 -11.34
C SER B 88 -26.43 14.84 -11.30
N VAL B 89 -25.41 14.32 -11.98
CA VAL B 89 -25.16 12.89 -12.00
C VAL B 89 -24.83 12.43 -10.59
N SER B 90 -24.11 13.27 -9.87
CA SER B 90 -23.71 12.97 -8.50
C SER B 90 -23.54 14.29 -7.77
N THR B 91 -23.27 14.21 -6.46
CA THR B 91 -23.10 15.42 -5.66
C THR B 91 -21.82 15.35 -4.84
N SER B 92 -21.49 16.48 -4.20
CA SER B 92 -20.31 16.54 -3.35
C SER B 92 -20.49 15.56 -2.20
N GLN B 93 -21.71 15.52 -1.68
CA GLN B 93 -22.04 14.65 -0.56
C GLN B 93 -21.98 13.16 -0.94
N ALA B 94 -22.35 12.86 -2.18
CA ALA B 94 -22.34 11.48 -2.68
C ALA B 94 -21.68 11.46 -4.07
N PRO B 95 -20.34 11.56 -4.10
CA PRO B 95 -19.59 11.56 -5.36
C PRO B 95 -19.43 10.20 -6.02
N ILE B 96 -19.00 10.22 -7.28
CA ILE B 96 -18.75 9.00 -8.02
C ILE B 96 -17.35 8.56 -7.61
N MET B 97 -17.22 7.30 -7.19
CA MET B 97 -15.92 6.79 -6.79
C MET B 97 -15.16 6.23 -8.00
N MET B 98 -13.84 6.39 -8.02
CA MET B 98 -13.01 5.86 -9.09
C MET B 98 -11.89 5.05 -8.43
N TRP B 99 -11.59 3.88 -9.00
CA TRP B 99 -10.58 3.01 -8.43
C TRP B 99 -9.22 3.09 -9.14
N VAL B 100 -8.17 3.34 -8.36
CA VAL B 100 -6.82 3.44 -8.90
C VAL B 100 -6.19 2.05 -8.91
N GLY B 101 -5.24 1.81 -9.83
CA GLY B 101 -4.60 0.51 -9.86
C GLY B 101 -4.43 -0.12 -11.23
N ASP B 102 -5.07 0.44 -12.24
CA ASP B 102 -4.94 -0.08 -13.59
C ASP B 102 -3.76 0.66 -14.23
N ILE B 103 -2.57 0.39 -13.71
CA ILE B 103 -1.33 1.00 -14.15
C ILE B 103 -0.93 0.51 -15.55
N VAL B 104 -0.74 -0.80 -15.70
CA VAL B 104 -0.43 -1.33 -17.03
C VAL B 104 -1.81 -1.50 -17.66
N LYS B 105 -2.25 -0.49 -18.39
CA LYS B 105 -3.58 -0.48 -19.00
C LYS B 105 -4.05 -1.74 -19.72
N ASP B 106 -5.02 -2.41 -19.11
CA ASP B 106 -5.60 -3.61 -19.70
C ASP B 106 -6.95 -3.89 -19.05
N ASN B 107 -7.53 -2.84 -18.47
CA ASN B 107 -8.84 -2.92 -17.80
C ASN B 107 -8.94 -4.03 -16.76
N SER B 108 -7.91 -4.16 -15.93
CA SER B 108 -7.90 -5.19 -14.91
C SER B 108 -6.85 -4.91 -13.84
N ILE B 109 -7.24 -4.86 -12.58
CA ILE B 109 -6.25 -4.63 -11.53
C ILE B 109 -5.67 -5.98 -11.18
N ASN B 110 -4.41 -6.22 -11.57
CA ASN B 110 -3.79 -7.51 -11.29
C ASN B 110 -2.33 -7.40 -10.86
N LEU B 111 -1.66 -8.55 -10.74
CA LEU B 111 -0.26 -8.59 -10.31
C LEU B 111 0.73 -7.78 -11.15
N LEU B 112 0.41 -7.57 -12.43
CA LEU B 112 1.30 -6.81 -13.28
C LEU B 112 1.34 -5.35 -12.79
N ASP B 113 0.20 -4.88 -12.31
CA ASP B 113 0.10 -3.51 -11.80
C ASP B 113 0.92 -3.35 -10.53
N VAL B 114 0.80 -4.31 -9.64
CA VAL B 114 1.55 -4.26 -8.39
C VAL B 114 3.04 -4.36 -8.70
N ALA B 115 3.40 -5.14 -9.70
CA ALA B 115 4.81 -5.29 -10.07
C ALA B 115 5.43 -3.97 -10.51
N GLU B 116 4.66 -3.14 -11.19
CA GLU B 116 5.16 -1.84 -11.64
C GLU B 116 5.49 -0.91 -10.49
N VAL B 117 4.68 -0.96 -9.43
CA VAL B 117 4.93 -0.13 -8.27
C VAL B 117 6.16 -0.67 -7.55
N ILE B 118 6.27 -2.00 -7.51
CA ILE B 118 7.39 -2.67 -6.87
C ILE B 118 8.72 -2.29 -7.51
N ARG B 119 8.72 -2.10 -8.83
CA ARG B 119 9.95 -1.76 -9.52
C ARG B 119 10.57 -0.48 -8.95
N CYS B 120 9.73 0.40 -8.42
CA CYS B 120 10.19 1.67 -7.83
C CYS B 120 10.06 1.67 -6.31
N PHE B 121 10.03 0.48 -5.71
CA PHE B 121 9.88 0.37 -4.27
C PHE B 121 10.87 1.22 -3.47
N ASN B 122 10.32 1.95 -2.49
CA ASN B 122 11.07 2.84 -1.60
C ASN B 122 11.65 4.09 -2.24
N ALA B 123 11.34 4.33 -3.51
CA ALA B 123 11.84 5.53 -4.18
C ALA B 123 11.24 6.76 -3.50
N THR B 124 12.04 7.82 -3.40
CA THR B 124 11.58 9.07 -2.78
C THR B 124 11.62 10.20 -3.81
N LYS B 125 10.81 11.22 -3.58
CA LYS B 125 10.71 12.37 -4.48
C LYS B 125 12.08 12.90 -4.89
N GLY B 126 12.33 13.01 -6.19
CA GLY B 126 13.60 13.52 -6.67
C GLY B 126 14.65 12.44 -6.88
N SER B 127 14.32 11.20 -6.53
CA SER B 127 15.26 10.10 -6.71
C SER B 127 15.22 9.58 -8.14
N ALA B 128 16.30 8.93 -8.54
CA ALA B 128 16.39 8.40 -9.90
C ALA B 128 15.25 7.43 -10.25
N ASN B 129 14.75 6.69 -9.26
CA ASN B 129 13.68 5.73 -9.51
C ASN B 129 12.26 6.17 -9.12
N TYR B 130 12.08 7.45 -8.83
CA TYR B 130 10.77 7.95 -8.44
C TYR B 130 9.93 8.42 -9.63
N VAL B 131 8.68 7.96 -9.68
CA VAL B 131 7.74 8.34 -10.72
C VAL B 131 6.47 8.76 -10.00
N GLU B 132 6.14 10.04 -10.10
CA GLU B 132 4.97 10.57 -9.40
C GLU B 132 3.68 9.76 -9.57
N GLU B 133 3.37 9.32 -10.79
CA GLU B 133 2.15 8.55 -11.03
C GLU B 133 2.08 7.25 -10.24
N LEU B 134 3.24 6.71 -9.87
CA LEU B 134 3.29 5.46 -9.12
C LEU B 134 3.23 5.73 -7.61
N ASP B 135 3.40 6.99 -7.24
CA ASP B 135 3.31 7.41 -5.85
C ASP B 135 1.81 7.69 -5.65
N ILE B 136 1.04 6.61 -5.59
CA ILE B 136 -0.42 6.65 -5.45
C ILE B 136 -1.04 7.73 -4.57
N ASN B 137 -0.65 7.82 -3.31
CA ASN B 137 -1.24 8.84 -2.44
C ASN B 137 -0.45 10.15 -2.45
N ARG B 138 0.56 10.21 -3.32
CA ARG B 138 1.38 11.42 -3.49
C ARG B 138 2.02 11.99 -2.22
N ASN B 139 2.43 11.13 -1.29
CA ASN B 139 3.04 11.64 -0.05
C ASN B 139 4.56 11.77 -0.14
N GLY B 140 5.13 11.58 -1.33
CA GLY B 140 6.56 11.73 -1.49
C GLY B 140 7.42 10.47 -1.52
N ALA B 141 6.81 9.31 -1.38
CA ALA B 141 7.57 8.05 -1.40
C ALA B 141 6.72 6.93 -1.97
N ILE B 142 7.35 5.97 -2.63
CA ILE B 142 6.62 4.83 -3.19
C ILE B 142 6.92 3.65 -2.27
N ASN B 143 5.88 3.11 -1.65
CA ASN B 143 6.08 2.00 -0.71
C ASN B 143 4.86 1.09 -0.55
N MET B 144 4.86 0.28 0.51
CA MET B 144 3.75 -0.64 0.74
C MET B 144 2.39 0.04 0.91
N GLN B 145 2.38 1.25 1.43
CA GLN B 145 1.12 1.98 1.62
C GLN B 145 0.41 2.16 0.27
N ASP B 146 1.18 2.44 -0.77
CA ASP B 146 0.62 2.63 -2.11
C ASP B 146 0.12 1.32 -2.68
N ILE B 147 0.89 0.26 -2.43
CA ILE B 147 0.52 -1.07 -2.91
C ILE B 147 -0.79 -1.49 -2.26
N MET B 148 -0.95 -1.21 -0.96
CA MET B 148 -2.18 -1.58 -0.26
C MET B 148 -3.41 -0.91 -0.89
N ILE B 149 -3.23 0.31 -1.41
CA ILE B 149 -4.34 1.02 -2.04
C ILE B 149 -4.75 0.28 -3.31
N VAL B 150 -3.76 -0.16 -4.09
CA VAL B 150 -4.04 -0.91 -5.30
C VAL B 150 -4.74 -2.21 -4.92
N HIS B 151 -4.29 -2.84 -3.83
CA HIS B 151 -4.88 -4.08 -3.36
C HIS B 151 -6.37 -3.95 -2.99
N LYS B 152 -6.81 -2.72 -2.68
CA LYS B 152 -8.20 -2.48 -2.34
C LYS B 152 -9.14 -3.09 -3.37
N HIS B 153 -8.74 -3.04 -4.63
CA HIS B 153 -9.57 -3.57 -5.70
C HIS B 153 -8.86 -4.57 -6.60
N PHE B 154 -8.01 -5.40 -5.99
CA PHE B 154 -7.27 -6.42 -6.73
C PHE B 154 -8.28 -7.33 -7.41
N GLY B 155 -8.05 -7.63 -8.69
CA GLY B 155 -8.94 -8.51 -9.42
C GLY B 155 -10.11 -7.85 -10.12
N ALA B 156 -10.31 -6.56 -9.88
CA ALA B 156 -11.44 -5.85 -10.49
C ALA B 156 -11.26 -5.48 -11.97
N THR B 157 -12.40 -5.44 -12.67
CA THR B 157 -12.45 -5.02 -14.07
C THR B 157 -13.57 -3.98 -14.08
N SER B 158 -13.72 -3.27 -15.18
CA SER B 158 -14.74 -2.23 -15.29
C SER B 158 -16.14 -2.66 -14.84
N SER B 159 -16.51 -3.90 -15.12
CA SER B 159 -17.84 -4.39 -14.75
C SER B 159 -18.05 -4.57 -13.26
N ASP B 160 -16.99 -4.48 -12.46
CA ASP B 160 -17.11 -4.63 -11.02
C ASP B 160 -17.63 -3.38 -10.32
N TYR B 161 -17.63 -2.26 -11.02
CA TYR B 161 -18.17 -1.02 -10.44
C TYR B 161 -19.67 -1.21 -10.27
N ASP B 162 -20.25 -0.56 -9.26
CA ASP B 162 -21.69 -0.66 -9.03
C ASP B 162 -22.42 -0.12 -10.24
N ALA B 163 -23.37 -0.89 -10.73
CA ALA B 163 -24.16 -0.47 -11.90
C ALA B 163 -25.44 0.19 -11.40
#